data_8KE8
#
_entry.id   8KE8
#
_cell.length_a   57.517
_cell.length_b   57.517
_cell.length_c   224.345
_cell.angle_alpha   90.00
_cell.angle_beta   90.00
_cell.angle_gamma   120.00
#
_symmetry.space_group_name_H-M   'P 61'
#
loop_
_entity.id
_entity.type
_entity.pdbx_description
1 polymer NalC
2 water water
#
_entity_poly.entity_id   1
_entity_poly.type   'polypeptide(L)'
_entity_poly.pdbx_seq_one_letter_code
;MNDASPRLTERGRQRRRAMLDAATQAFLEHGFEGTTLDMVIERAGGSRGTLYSSFGGKEGLFAAVIAHMIGEIFDDSADQ
PRPAATLSATLEHFGRRFLTSLLDPRCQSLYRLVVAESPRFPAIGKSFYEQGPQQSYLLLSERLAAVAPHMDEETLYAVA
CQFLEMLKADLFLKALSVADFQPTMALLETRLKLSVDIIACYLEHLSQSPAQG
;
_entity_poly.pdbx_strand_id   A,B
#
# COMPACT_ATOMS: atom_id res chain seq x y z
N PRO A 6 20.17 -20.13 18.00
CA PRO A 6 19.86 -21.05 19.11
C PRO A 6 20.48 -22.42 18.91
N ARG A 7 21.31 -22.52 17.85
CA ARG A 7 21.96 -23.77 17.49
C ARG A 7 23.44 -23.47 17.26
N LEU A 8 24.31 -24.18 17.97
CA LEU A 8 25.74 -23.93 17.87
C LEU A 8 26.41 -24.75 16.78
N THR A 9 25.69 -25.66 16.12
CA THR A 9 26.33 -26.51 15.14
C THR A 9 26.23 -25.94 13.73
N GLU A 10 27.07 -26.45 12.85
CA GLU A 10 27.01 -26.07 11.44
C GLU A 10 25.81 -26.71 10.74
N ARG A 11 25.56 -27.99 11.01
CA ARG A 11 24.42 -28.67 10.41
C ARG A 11 23.10 -28.06 10.85
N GLY A 12 23.02 -27.59 12.10
CA GLY A 12 21.83 -26.88 12.54
C GLY A 12 21.64 -25.56 11.82
N ARG A 13 22.73 -24.85 11.54
CA ARG A 13 22.64 -23.60 10.81
C ARG A 13 22.22 -23.82 9.36
N GLN A 14 22.65 -24.94 8.76
CA GLN A 14 22.21 -25.27 7.40
C GLN A 14 20.72 -25.59 7.39
N ARG A 15 20.28 -26.47 8.31
CA ARG A 15 18.87 -26.84 8.37
C ARG A 15 17.98 -25.63 8.65
N ARG A 16 18.45 -24.71 9.49
CA ARG A 16 17.65 -23.53 9.81
C ARG A 16 17.49 -22.65 8.57
N ARG A 17 18.60 -22.36 7.88
CA ARG A 17 18.52 -21.55 6.66
C ARG A 17 17.68 -22.24 5.59
N ALA A 18 17.76 -23.57 5.51
CA ALA A 18 16.94 -24.31 4.54
C ALA A 18 15.47 -24.18 4.88
N MET A 19 15.11 -24.35 6.16
CA MET A 19 13.71 -24.20 6.57
C MET A 19 13.24 -22.77 6.34
N LEU A 20 14.11 -21.79 6.55
CA LEU A 20 13.74 -20.39 6.30
C LEU A 20 13.43 -20.17 4.83
N ASP A 21 14.21 -20.77 3.93
CA ASP A 21 13.97 -20.62 2.50
C ASP A 21 12.65 -21.27 2.10
N ALA A 22 12.38 -22.47 2.60
CA ALA A 22 11.12 -23.15 2.30
C ALA A 22 9.93 -22.36 2.84
N ALA A 23 10.03 -21.90 4.09
CA ALA A 23 8.94 -21.13 4.69
C ALA A 23 8.66 -19.85 3.91
N THR A 24 9.72 -19.18 3.45
CA THR A 24 9.55 -17.98 2.64
C THR A 24 8.71 -18.28 1.41
N GLN A 25 9.09 -19.30 0.64
CA GLN A 25 8.31 -19.69 -0.54
C GLN A 25 6.87 -20.06 -0.17
N ALA A 26 6.69 -20.76 0.94
CA ALA A 26 5.36 -21.19 1.34
C ALA A 26 4.48 -20.00 1.70
N PHE A 27 4.99 -19.10 2.54
CA PHE A 27 4.22 -17.91 2.91
C PHE A 27 3.88 -17.07 1.70
N LEU A 28 4.84 -16.93 0.77
CA LEU A 28 4.60 -16.14 -0.44
C LEU A 28 3.44 -16.70 -1.25
N GLU A 29 3.38 -18.03 -1.40
CA GLU A 29 2.34 -18.64 -2.23
C GLU A 29 0.98 -18.66 -1.53
N HIS A 30 0.96 -18.93 -0.22
CA HIS A 30 -0.29 -19.22 0.48
C HIS A 30 -0.69 -18.18 1.51
N GLY A 31 0.15 -17.19 1.81
CA GLY A 31 -0.16 -16.26 2.87
C GLY A 31 0.02 -16.87 4.24
N PHE A 32 -0.12 -16.06 5.30
CA PHE A 32 0.14 -16.55 6.65
C PHE A 32 -0.84 -17.66 7.04
N GLU A 33 -2.13 -17.41 6.87
CA GLU A 33 -3.14 -18.35 7.37
C GLU A 33 -3.09 -19.68 6.63
N GLY A 34 -2.87 -19.63 5.32
CA GLY A 34 -2.83 -20.85 4.54
C GLY A 34 -1.52 -21.59 4.55
N THR A 35 -0.53 -21.12 5.31
CA THR A 35 0.76 -21.78 5.42
C THR A 35 0.83 -22.52 6.76
N THR A 36 0.99 -23.84 6.70
CA THR A 36 1.15 -24.66 7.90
C THR A 36 2.60 -25.06 8.07
N LEU A 37 2.97 -25.36 9.31
CA LEU A 37 4.31 -25.86 9.59
C LEU A 37 4.56 -27.19 8.89
N ASP A 38 3.51 -27.99 8.67
CA ASP A 38 3.67 -29.24 7.94
C ASP A 38 4.12 -28.99 6.50
N MET A 39 3.57 -27.96 5.86
CA MET A 39 3.99 -27.60 4.52
C MET A 39 5.47 -27.24 4.48
N VAL A 40 5.95 -26.57 5.53
CA VAL A 40 7.35 -26.19 5.59
C VAL A 40 8.24 -27.42 5.75
N ILE A 41 7.82 -28.37 6.59
CA ILE A 41 8.59 -29.59 6.80
C ILE A 41 8.65 -30.40 5.51
N GLU A 42 7.54 -30.43 4.76
CA GLU A 42 7.51 -31.18 3.50
C GLU A 42 8.47 -30.61 2.48
N ARG A 43 8.66 -29.28 2.49
CA ARG A 43 9.55 -28.64 1.53
C ARG A 43 11.01 -28.68 1.99
N ALA A 44 11.27 -28.58 3.29
CA ALA A 44 12.62 -28.44 3.80
C ALA A 44 13.14 -29.68 4.50
N GLY A 45 12.36 -30.74 4.57
CA GLY A 45 12.80 -31.87 5.35
C GLY A 45 12.89 -31.53 6.83
N GLY A 46 13.48 -32.45 7.58
CA GLY A 46 13.60 -32.26 9.01
C GLY A 46 12.34 -32.66 9.74
N SER A 47 12.18 -32.12 10.93
CA SER A 47 11.07 -32.45 11.81
C SER A 47 10.36 -31.18 12.28
N ARG A 48 9.07 -31.34 12.61
CA ARG A 48 8.30 -30.23 13.17
C ARG A 48 8.93 -29.72 14.46
N GLY A 49 9.53 -30.61 15.26
CA GLY A 49 10.12 -30.20 16.51
C GLY A 49 11.31 -29.26 16.32
N THR A 50 12.14 -29.55 15.32
CA THR A 50 13.28 -28.68 15.04
C THR A 50 12.82 -27.29 14.60
N LEU A 51 11.69 -27.21 13.90
CA LEU A 51 11.13 -25.92 13.53
C LEU A 51 10.80 -25.09 14.77
N TYR A 52 10.20 -25.72 15.78
CA TYR A 52 9.86 -25.02 17.00
C TYR A 52 11.10 -24.59 17.77
N SER A 53 12.16 -25.40 17.72
CA SER A 53 13.39 -25.04 18.41
C SER A 53 14.11 -23.89 17.72
N SER A 54 14.17 -23.93 16.38
CA SER A 54 14.92 -22.92 15.64
C SER A 54 14.22 -21.55 15.67
N PHE A 55 12.90 -21.53 15.51
CA PHE A 55 12.17 -20.28 15.32
C PHE A 55 11.16 -19.96 16.43
N GLY A 56 10.73 -20.96 17.21
CA GLY A 56 9.79 -20.74 18.29
C GLY A 56 8.36 -21.12 17.96
N GLY A 57 8.04 -21.25 16.68
CA GLY A 57 6.69 -21.54 16.25
C GLY A 57 6.39 -20.82 14.96
N LYS A 58 5.11 -20.76 14.61
CA LYS A 58 4.71 -20.14 13.35
C LYS A 58 4.97 -18.64 13.35
N GLU A 59 4.67 -17.97 14.47
CA GLU A 59 4.91 -16.52 14.54
C GLU A 59 6.40 -16.22 14.44
N GLY A 60 7.22 -16.95 15.18
CA GLY A 60 8.65 -16.74 15.11
C GLY A 60 9.23 -17.06 13.73
N LEU A 61 8.73 -18.13 13.11
CA LEU A 61 9.13 -18.45 11.75
C LEU A 61 8.74 -17.34 10.79
N PHE A 62 7.50 -16.85 10.89
CA PHE A 62 7.02 -15.80 10.00
C PHE A 62 7.81 -14.51 10.21
N ALA A 63 8.17 -14.20 11.46
CA ALA A 63 8.99 -13.04 11.74
C ALA A 63 10.35 -13.16 11.06
N ALA A 64 10.97 -14.33 11.14
CA ALA A 64 12.25 -14.55 10.48
C ALA A 64 12.10 -14.46 8.97
N VAL A 65 11.00 -14.97 8.43
CA VAL A 65 10.76 -14.91 6.99
C VAL A 65 10.67 -13.47 6.52
N ILE A 66 9.91 -12.64 7.24
CA ILE A 66 9.76 -11.24 6.86
C ILE A 66 11.10 -10.53 6.90
N ALA A 67 11.82 -10.68 8.01
CA ALA A 67 13.13 -10.04 8.15
C ALA A 67 14.09 -10.50 7.06
N HIS A 68 14.06 -11.80 6.74
CA HIS A 68 14.89 -12.32 5.66
C HIS A 68 14.52 -11.67 4.33
N MET A 69 13.23 -11.55 4.04
CA MET A 69 12.79 -10.94 2.80
C MET A 69 13.21 -9.46 2.72
N ILE A 70 13.27 -8.78 3.86
CA ILE A 70 13.69 -7.37 3.84
C ILE A 70 15.12 -7.25 3.32
N GLY A 71 16.02 -8.11 3.82
CA GLY A 71 17.37 -8.12 3.31
C GLY A 71 17.45 -8.49 1.84
N GLU A 72 16.62 -9.43 1.40
CA GLU A 72 16.64 -9.86 0.01
C GLU A 72 16.26 -8.73 -0.94
N ILE A 73 15.27 -7.93 -0.57
CA ILE A 73 14.71 -6.94 -1.49
C ILE A 73 15.41 -5.59 -1.38
N PHE A 74 15.91 -5.23 -0.20
CA PHE A 74 16.54 -3.94 0.02
C PHE A 74 18.06 -4.02 0.02
N ASP A 75 18.63 -4.97 0.77
CA ASP A 75 20.02 -5.41 0.60
C ASP A 75 21.01 -4.27 0.80
N ASP A 76 20.89 -3.58 1.94
CA ASP A 76 21.80 -2.49 2.29
C ASP A 76 21.92 -1.48 1.15
N SER A 77 23.14 -1.03 0.88
CA SER A 77 23.43 -0.09 -0.20
C SER A 77 24.10 -0.83 -1.35
N ALA A 78 23.29 -1.64 -2.04
CA ALA A 78 23.77 -2.42 -3.18
C ALA A 78 23.06 -2.01 -4.47
N PRO A 81 24.41 2.09 -5.46
CA PRO A 81 24.75 2.88 -6.64
C PRO A 81 25.90 3.86 -6.40
N ARG A 82 26.29 4.58 -7.45
CA ARG A 82 27.35 5.58 -7.36
C ARG A 82 26.76 6.98 -7.54
N PRO A 83 27.29 7.98 -6.82
CA PRO A 83 26.72 9.32 -6.89
C PRO A 83 26.80 9.91 -8.30
N ALA A 84 25.66 10.37 -8.80
CA ALA A 84 25.57 10.92 -10.14
C ALA A 84 25.87 12.42 -10.13
N ALA A 85 26.10 12.97 -11.32
CA ALA A 85 26.54 14.35 -11.42
C ALA A 85 25.41 15.35 -11.28
N THR A 86 24.20 15.01 -11.72
CA THR A 86 23.10 15.96 -11.75
C THR A 86 21.98 15.52 -10.80
N LEU A 87 21.09 16.47 -10.51
CA LEU A 87 19.93 16.17 -9.69
C LEU A 87 18.95 15.27 -10.43
N SER A 88 18.73 15.53 -11.71
CA SER A 88 17.82 14.71 -12.51
C SER A 88 18.31 13.27 -12.59
N ALA A 89 19.60 13.08 -12.87
CA ALA A 89 20.15 11.73 -12.94
C ALA A 89 20.10 11.03 -11.58
N THR A 90 20.33 11.80 -10.50
CA THR A 90 20.25 11.22 -9.17
C THR A 90 18.85 10.70 -8.88
N LEU A 91 17.83 11.51 -9.18
CA LEU A 91 16.45 11.08 -9.02
C LEU A 91 16.13 9.91 -9.95
N GLU A 92 16.54 10.00 -11.20
CA GLU A 92 16.19 8.97 -12.19
C GLU A 92 16.82 7.63 -11.83
N HIS A 93 18.11 7.63 -11.50
CA HIS A 93 18.79 6.38 -11.17
C HIS A 93 18.22 5.74 -9.91
N PHE A 94 18.03 6.53 -8.86
CA PHE A 94 17.44 5.99 -7.64
C PHE A 94 16.00 5.57 -7.87
N GLY A 95 15.22 6.39 -8.59
CA GLY A 95 13.84 6.04 -8.86
C GLY A 95 13.70 4.75 -9.65
N ARG A 96 14.61 4.52 -10.61
CA ARG A 96 14.52 3.31 -11.42
C ARG A 96 14.81 2.07 -10.57
N ARG A 97 15.88 2.10 -9.78
CA ARG A 97 16.18 0.98 -8.89
C ARG A 97 15.05 0.75 -7.88
N PHE A 98 14.45 1.84 -7.39
CA PHE A 98 13.35 1.72 -6.44
C PHE A 98 12.15 1.01 -7.07
N LEU A 99 11.80 1.40 -8.31
CA LEU A 99 10.65 0.81 -8.97
C LEU A 99 10.91 -0.65 -9.36
N THR A 100 12.13 -0.96 -9.81
CA THR A 100 12.44 -2.35 -10.15
C THR A 100 12.38 -3.25 -8.93
N SER A 101 12.89 -2.77 -7.79
CA SER A 101 12.76 -3.53 -6.55
C SER A 101 11.31 -3.64 -6.11
N LEU A 102 10.58 -2.52 -6.13
CA LEU A 102 9.22 -2.49 -5.60
C LEU A 102 8.27 -3.36 -6.41
N LEU A 103 8.36 -3.28 -7.74
CA LEU A 103 7.40 -3.97 -8.60
C LEU A 103 7.75 -5.43 -8.84
N ASP A 104 8.87 -5.91 -8.31
CA ASP A 104 9.18 -7.32 -8.33
C ASP A 104 8.05 -8.09 -7.65
N PRO A 105 7.53 -9.17 -8.26
CA PRO A 105 6.40 -9.89 -7.66
C PRO A 105 6.68 -10.41 -6.25
N ARG A 106 7.94 -10.70 -5.91
CA ARG A 106 8.24 -11.08 -4.54
C ARG A 106 8.08 -9.90 -3.58
N CYS A 107 8.45 -8.70 -4.02
CA CYS A 107 8.26 -7.52 -3.18
C CYS A 107 6.79 -7.23 -2.94
N GLN A 108 5.97 -7.36 -4.00
CA GLN A 108 4.53 -7.20 -3.83
C GLN A 108 4.00 -8.17 -2.77
N SER A 109 4.48 -9.41 -2.78
CA SER A 109 4.05 -10.39 -1.80
C SER A 109 4.51 -10.02 -0.40
N LEU A 110 5.74 -9.51 -0.26
CA LEU A 110 6.22 -9.05 1.03
C LEU A 110 5.32 -7.93 1.58
N TYR A 111 4.89 -7.02 0.71
CA TYR A 111 4.00 -5.95 1.15
C TYR A 111 2.63 -6.49 1.54
N ARG A 112 2.07 -7.38 0.72
CA ARG A 112 0.77 -7.98 1.02
C ARG A 112 0.81 -8.71 2.36
N LEU A 113 1.87 -9.48 2.61
CA LEU A 113 1.99 -10.20 3.88
C LEU A 113 2.04 -9.24 5.06
N VAL A 114 2.85 -8.19 4.96
CA VAL A 114 3.06 -7.29 6.10
C VAL A 114 1.79 -6.53 6.42
N VAL A 115 1.12 -5.97 5.41
CA VAL A 115 -0.08 -5.19 5.67
C VAL A 115 -1.20 -6.09 6.20
N ALA A 116 -1.27 -7.33 5.72
CA ALA A 116 -2.31 -8.25 6.17
C ALA A 116 -2.09 -8.65 7.63
N GLU A 117 -0.83 -8.79 8.04
CA GLU A 117 -0.50 -9.37 9.33
C GLU A 117 0.06 -8.36 10.33
N SER A 118 0.21 -7.09 9.93
CA SER A 118 0.69 -6.07 10.86
C SER A 118 -0.16 -5.95 12.13
N PRO A 119 -1.49 -5.96 12.08
CA PRO A 119 -2.24 -5.89 13.35
C PRO A 119 -2.01 -7.07 14.26
N ARG A 120 -1.95 -8.29 13.72
CA ARG A 120 -1.71 -9.46 14.56
C ARG A 120 -0.29 -9.49 15.11
N PHE A 121 0.69 -9.05 14.31
CA PHE A 121 2.09 -9.04 14.70
C PHE A 121 2.65 -7.64 14.53
N PRO A 122 2.37 -6.73 15.46
CA PRO A 122 2.81 -5.33 15.29
C PRO A 122 4.32 -5.18 15.22
N ALA A 123 5.07 -6.00 15.95
CA ALA A 123 6.53 -5.90 15.90
C ALA A 123 7.07 -6.19 14.51
N ILE A 124 6.39 -7.05 13.75
CA ILE A 124 6.86 -7.36 12.40
C ILE A 124 6.61 -6.19 11.45
N GLY A 125 5.42 -5.59 11.54
CA GLY A 125 5.12 -4.44 10.70
C GLY A 125 6.03 -3.26 10.97
N LYS A 126 6.32 -3.01 12.25
CA LYS A 126 7.19 -1.89 12.61
C LYS A 126 8.62 -2.12 12.12
N SER A 127 9.11 -3.35 12.26
CA SER A 127 10.43 -3.69 11.73
C SER A 127 10.47 -3.55 10.21
N PHE A 128 9.40 -3.96 9.53
CA PHE A 128 9.34 -3.83 8.07
C PHE A 128 9.48 -2.37 7.65
N TYR A 129 8.71 -1.48 8.28
CA TYR A 129 8.72 -0.07 7.87
C TYR A 129 10.08 0.56 8.09
N GLU A 130 10.68 0.34 9.26
CA GLU A 130 11.95 0.96 9.57
C GLU A 130 13.07 0.49 8.64
N GLN A 131 13.09 -0.81 8.34
CA GLN A 131 14.17 -1.39 7.56
C GLN A 131 13.89 -1.38 6.06
N GLY A 132 12.64 -1.17 5.64
CA GLY A 132 12.31 -1.14 4.25
C GLY A 132 12.08 0.25 3.70
N PRO A 133 10.81 0.66 3.65
CA PRO A 133 10.48 1.98 3.09
C PRO A 133 11.23 3.14 3.74
N GLN A 134 11.30 3.16 5.08
CA GLN A 134 11.98 4.26 5.76
C GLN A 134 13.44 4.34 5.35
N GLN A 135 14.10 3.20 5.16
CA GLN A 135 15.50 3.21 4.73
C GLN A 135 15.62 3.73 3.31
N SER A 136 14.66 3.41 2.45
CA SER A 136 14.67 3.94 1.09
C SER A 136 14.54 5.46 1.09
N TYR A 137 13.64 5.99 1.93
CA TYR A 137 13.51 7.44 2.05
C TYR A 137 14.80 8.07 2.53
N LEU A 138 15.42 7.47 3.55
CA LEU A 138 16.62 8.05 4.14
C LEU A 138 17.81 7.98 3.18
N LEU A 139 17.94 6.88 2.44
CA LEU A 139 19.04 6.76 1.49
C LEU A 139 18.95 7.82 0.40
N LEU A 140 17.76 8.03 -0.16
CA LEU A 140 17.61 9.04 -1.21
C LEU A 140 17.87 10.44 -0.67
N SER A 141 17.35 10.75 0.53
CA SER A 141 17.58 12.05 1.12
C SER A 141 19.07 12.33 1.29
N GLU A 142 19.84 11.29 1.60
CA GLU A 142 21.29 11.45 1.73
C GLU A 142 21.94 11.69 0.38
N ARG A 143 21.54 10.93 -0.64
CA ARG A 143 22.05 11.18 -1.99
C ARG A 143 21.66 12.56 -2.48
N LEU A 144 20.45 13.02 -2.13
CA LEU A 144 20.00 14.35 -2.55
C LEU A 144 20.84 15.45 -1.91
N ALA A 145 21.26 15.25 -0.65
CA ALA A 145 22.09 16.25 0.02
C ALA A 145 23.41 16.46 -0.71
N ALA A 146 23.92 15.43 -1.38
CA ALA A 146 25.18 15.58 -2.12
C ALA A 146 25.03 16.55 -3.29
N VAL A 147 23.92 16.44 -4.03
CA VAL A 147 23.72 17.31 -5.19
C VAL A 147 23.00 18.61 -4.86
N ALA A 148 22.38 18.71 -3.69
CA ALA A 148 21.75 19.94 -3.21
C ALA A 148 22.28 20.25 -1.81
N PRO A 149 23.56 20.60 -1.71
CA PRO A 149 24.22 20.66 -0.38
C PRO A 149 23.78 21.82 0.49
N HIS A 150 23.10 22.82 -0.06
CA HIS A 150 22.68 23.98 0.72
C HIS A 150 21.20 23.91 1.10
N MET A 151 20.56 22.76 0.90
CA MET A 151 19.14 22.62 1.17
C MET A 151 18.91 22.08 2.57
N ASP A 152 17.79 22.47 3.16
CA ASP A 152 17.41 21.96 4.47
C ASP A 152 17.22 20.45 4.40
N GLU A 153 17.89 19.74 5.31
CA GLU A 153 17.83 18.28 5.29
C GLU A 153 16.43 17.77 5.61
N GLU A 154 15.69 18.49 6.46
CA GLU A 154 14.31 18.09 6.75
C GLU A 154 13.43 18.20 5.51
N THR A 155 13.63 19.27 4.71
CA THR A 155 12.89 19.40 3.47
C THR A 155 13.33 18.35 2.45
N LEU A 156 14.64 18.07 2.39
CA LEU A 156 15.15 17.05 1.48
C LEU A 156 14.55 15.68 1.80
N TYR A 157 14.41 15.35 3.09
CA TYR A 157 13.76 14.10 3.45
C TYR A 157 12.30 14.10 3.03
N ALA A 158 11.61 15.22 3.24
CA ALA A 158 10.21 15.30 2.86
C ALA A 158 10.05 15.15 1.34
N VAL A 159 10.93 15.80 0.57
CA VAL A 159 10.85 15.69 -0.88
C VAL A 159 11.20 14.28 -1.33
N ALA A 160 12.21 13.67 -0.69
CA ALA A 160 12.59 12.30 -1.03
C ALA A 160 11.41 11.34 -0.87
N CYS A 161 10.65 11.49 0.23
CA CYS A 161 9.49 10.62 0.46
C CYS A 161 8.43 10.82 -0.62
N GLN A 162 8.15 12.09 -0.98
CA GLN A 162 7.13 12.36 -1.97
C GLN A 162 7.51 11.79 -3.34
N PHE A 163 8.78 11.91 -3.71
CA PHE A 163 9.23 11.39 -5.01
C PHE A 163 9.04 9.88 -5.08
N LEU A 164 9.47 9.16 -4.05
CA LEU A 164 9.39 7.71 -4.10
C LEU A 164 7.94 7.22 -4.06
N GLU A 165 7.09 7.90 -3.31
CA GLU A 165 5.68 7.51 -3.26
C GLU A 165 4.96 7.81 -4.57
N MET A 166 5.27 8.94 -5.21
CA MET A 166 4.60 9.27 -6.47
C MET A 166 4.99 8.29 -7.58
N LEU A 167 6.14 7.64 -7.47
CA LEU A 167 6.52 6.62 -8.44
C LEU A 167 5.56 5.43 -8.39
N LYS A 168 4.83 5.25 -7.29
CA LYS A 168 3.86 4.19 -7.14
C LYS A 168 2.50 4.52 -7.76
N ALA A 169 2.27 5.78 -8.11
CA ALA A 169 0.94 6.24 -8.47
C ALA A 169 0.36 5.44 -9.64
N ASP A 170 -0.88 4.98 -9.47
CA ASP A 170 -1.60 4.22 -10.49
C ASP A 170 -0.78 3.03 -10.97
N LEU A 171 -0.05 2.39 -10.06
CA LEU A 171 0.87 1.32 -10.41
C LEU A 171 0.95 0.26 -9.33
N PHE A 172 1.50 0.62 -8.18
CA PHE A 172 1.78 -0.36 -7.13
C PHE A 172 0.48 -0.90 -6.54
N LEU A 173 -0.39 -0.02 -6.07
CA LEU A 173 -1.67 -0.46 -5.51
C LEU A 173 -2.51 -1.18 -6.56
N LYS A 174 -2.44 -0.72 -7.82
CA LYS A 174 -3.13 -1.39 -8.90
C LYS A 174 -2.65 -2.83 -9.06
N ALA A 175 -1.33 -3.04 -8.99
CA ALA A 175 -0.80 -4.40 -9.10
C ALA A 175 -1.19 -5.24 -7.90
N LEU A 176 -1.26 -4.63 -6.71
CA LEU A 176 -1.64 -5.37 -5.52
C LEU A 176 -3.11 -5.78 -5.56
N SER A 177 -3.96 -4.98 -6.20
CA SER A 177 -5.40 -5.20 -6.16
C SER A 177 -5.96 -5.87 -7.42
N VAL A 178 -5.35 -5.65 -8.57
CA VAL A 178 -5.87 -6.12 -9.85
C VAL A 178 -4.99 -7.28 -10.30
N ALA A 179 -5.56 -8.49 -10.34
CA ALA A 179 -4.77 -9.68 -10.58
C ALA A 179 -4.24 -9.76 -12.01
N ASP A 180 -5.06 -9.38 -12.99
CA ASP A 180 -4.61 -9.43 -14.37
C ASP A 180 -3.62 -8.32 -14.71
N PHE A 181 -3.68 -7.21 -13.99
CA PHE A 181 -2.86 -6.05 -14.34
C PHE A 181 -1.38 -6.35 -14.08
N GLN A 182 -0.56 -6.19 -15.12
CA GLN A 182 0.88 -6.30 -15.00
C GLN A 182 1.50 -4.99 -15.48
N PRO A 183 2.27 -4.28 -14.64
CA PRO A 183 2.89 -3.02 -15.08
C PRO A 183 3.96 -3.30 -16.12
N THR A 184 3.82 -2.69 -17.29
CA THR A 184 4.85 -2.80 -18.30
C THR A 184 6.03 -1.90 -17.93
N MET A 185 7.21 -2.26 -18.45
CA MET A 185 8.37 -1.39 -18.29
C MET A 185 8.15 -0.04 -18.95
N ALA A 186 7.35 0.00 -20.01
CA ALA A 186 6.97 1.28 -20.60
C ALA A 186 6.22 2.14 -19.60
N LEU A 187 5.33 1.53 -18.81
CA LEU A 187 4.63 2.24 -17.75
C LEU A 187 5.61 2.75 -16.70
N LEU A 188 6.53 1.87 -16.27
CA LEU A 188 7.54 2.27 -15.28
C LEU A 188 8.31 3.51 -15.74
N GLU A 189 8.77 3.50 -17.00
CA GLU A 189 9.56 4.62 -17.50
C GLU A 189 8.70 5.87 -17.68
N THR A 190 7.42 5.71 -18.01
CA THR A 190 6.52 6.85 -18.12
C THR A 190 6.37 7.55 -16.77
N ARG A 191 6.11 6.77 -15.71
CA ARG A 191 5.97 7.35 -14.38
C ARG A 191 7.28 7.96 -13.89
N LEU A 192 8.40 7.28 -14.15
CA LEU A 192 9.69 7.75 -13.67
C LEU A 192 10.04 9.11 -14.26
N LYS A 193 9.85 9.27 -15.58
CA LYS A 193 10.18 10.54 -16.23
C LYS A 193 9.35 11.68 -15.67
N LEU A 194 8.05 11.46 -15.48
CA LEU A 194 7.19 12.53 -14.96
C LEU A 194 7.56 12.89 -13.54
N SER A 195 7.75 11.89 -12.67
CA SER A 195 8.07 12.16 -11.28
C SER A 195 9.40 12.91 -11.15
N VAL A 196 10.41 12.51 -11.94
CA VAL A 196 11.69 13.21 -11.92
C VAL A 196 11.50 14.66 -12.37
N ASP A 197 10.74 14.87 -13.45
CA ASP A 197 10.51 16.22 -13.95
C ASP A 197 9.82 17.09 -12.89
N ILE A 198 8.84 16.53 -12.19
CA ILE A 198 8.11 17.30 -11.19
C ILE A 198 9.03 17.69 -10.03
N ILE A 199 9.74 16.72 -9.47
CA ILE A 199 10.54 16.98 -8.28
C ILE A 199 11.72 17.89 -8.62
N ALA A 200 12.39 17.64 -9.75
CA ALA A 200 13.51 18.49 -10.16
C ALA A 200 13.05 19.92 -10.35
N CYS A 201 11.91 20.12 -11.01
CA CYS A 201 11.36 21.46 -11.18
C CYS A 201 11.15 22.14 -9.84
N TYR A 202 10.58 21.42 -8.87
CA TYR A 202 10.35 22.00 -7.55
C TYR A 202 11.65 22.39 -6.88
N LEU A 203 12.62 21.48 -6.85
CA LEU A 203 13.88 21.76 -6.16
C LEU A 203 14.67 22.87 -6.85
N GLU A 204 14.59 22.93 -8.19
CA GLU A 204 15.31 23.96 -8.93
C GLU A 204 14.70 25.34 -8.77
N HIS A 205 13.51 25.44 -8.18
CA HIS A 205 12.92 26.73 -7.84
C HIS A 205 12.84 26.96 -6.34
N LEU A 206 13.20 25.97 -5.53
CA LEU A 206 13.09 26.11 -4.08
C LEU A 206 14.15 27.09 -3.55
N SER A 207 15.39 26.93 -3.99
CA SER A 207 16.47 27.84 -3.62
C SER A 207 16.48 29.10 -4.48
N GLN A 208 15.42 29.36 -5.24
CA GLN A 208 15.32 30.52 -6.11
C GLN A 208 16.47 30.58 -7.10
N ARG B 7 -34.93 -12.01 -4.34
CA ARG B 7 -35.73 -13.03 -3.67
C ARG B 7 -36.27 -12.59 -2.30
N LEU B 8 -36.18 -11.30 -2.00
CA LEU B 8 -36.52 -10.81 -0.67
C LEU B 8 -37.58 -9.73 -0.73
N THR B 9 -38.54 -9.83 0.19
CA THR B 9 -39.57 -8.83 0.42
C THR B 9 -38.95 -7.63 1.14
N GLU B 10 -39.81 -6.71 1.60
CA GLU B 10 -39.31 -5.59 2.38
C GLU B 10 -38.69 -6.06 3.69
N ARG B 11 -39.31 -7.04 4.35
CA ARG B 11 -38.71 -7.62 5.55
C ARG B 11 -37.40 -8.32 5.21
N GLY B 12 -37.33 -8.95 4.03
CA GLY B 12 -36.09 -9.56 3.60
C GLY B 12 -35.01 -8.53 3.30
N ARG B 13 -35.40 -7.39 2.74
CA ARG B 13 -34.44 -6.33 2.47
C ARG B 13 -33.90 -5.71 3.76
N GLN B 14 -34.72 -5.66 4.81
CA GLN B 14 -34.25 -5.19 6.10
C GLN B 14 -33.23 -6.16 6.69
N ARG B 15 -33.56 -7.46 6.68
CA ARG B 15 -32.66 -8.48 7.19
C ARG B 15 -31.34 -8.50 6.43
N ARG B 16 -31.40 -8.29 5.11
CA ARG B 16 -30.18 -8.28 4.31
C ARG B 16 -29.28 -7.11 4.68
N ARG B 17 -29.85 -5.90 4.72
CA ARG B 17 -29.06 -4.73 5.11
C ARG B 17 -28.50 -4.86 6.51
N ALA B 18 -29.27 -5.45 7.42
CA ALA B 18 -28.77 -5.66 8.79
C ALA B 18 -27.60 -6.64 8.79
N MET B 19 -27.71 -7.74 8.05
CA MET B 19 -26.62 -8.71 7.98
C MET B 19 -25.39 -8.08 7.34
N LEU B 20 -25.58 -7.22 6.33
CA LEU B 20 -24.46 -6.55 5.69
C LEU B 20 -23.72 -5.64 6.68
N ASP B 21 -24.47 -4.92 7.51
CA ASP B 21 -23.84 -4.04 8.49
C ASP B 21 -23.05 -4.83 9.52
N ALA B 22 -23.63 -5.92 10.03
CA ALA B 22 -22.92 -6.75 10.99
C ALA B 22 -21.68 -7.38 10.38
N ALA B 23 -21.83 -7.93 9.17
CA ALA B 23 -20.69 -8.57 8.50
C ALA B 23 -19.58 -7.56 8.27
N THR B 24 -19.93 -6.33 7.87
CA THR B 24 -18.93 -5.30 7.68
C THR B 24 -18.11 -5.10 8.95
N GLN B 25 -18.79 -4.87 10.08
CA GLN B 25 -18.11 -4.71 11.35
C GLN B 25 -17.25 -5.92 11.70
N ALA B 26 -17.75 -7.13 11.42
CA ALA B 26 -17.01 -8.33 11.77
C ALA B 26 -15.72 -8.44 10.95
N PHE B 27 -15.81 -8.26 9.63
CA PHE B 27 -14.62 -8.35 8.79
C PHE B 27 -13.57 -7.32 9.19
N LEU B 28 -14.01 -6.09 9.52
CA LEU B 28 -13.06 -5.06 9.94
C LEU B 28 -12.29 -5.49 11.19
N GLU B 29 -12.97 -6.09 12.16
CA GLU B 29 -12.31 -6.44 13.40
C GLU B 29 -11.40 -7.65 13.24
N HIS B 30 -11.84 -8.66 12.48
CA HIS B 30 -11.18 -9.95 12.48
C HIS B 30 -10.53 -10.32 11.15
N GLY B 31 -10.73 -9.55 10.09
CA GLY B 31 -10.22 -9.95 8.79
C GLY B 31 -11.06 -11.07 8.19
N PHE B 32 -10.75 -11.44 6.94
CA PHE B 32 -11.57 -12.43 6.24
C PHE B 32 -11.50 -13.79 6.92
N GLU B 33 -10.28 -14.28 7.20
CA GLU B 33 -10.13 -15.64 7.72
C GLU B 33 -10.73 -15.79 9.11
N GLY B 34 -10.56 -14.78 9.96
CA GLY B 34 -11.07 -14.85 11.30
C GLY B 34 -12.53 -14.50 11.47
N THR B 35 -13.23 -14.21 10.37
CA THR B 35 -14.66 -13.90 10.41
C THR B 35 -15.43 -15.13 9.95
N THR B 36 -16.28 -15.65 10.82
CA THR B 36 -17.15 -16.79 10.48
C THR B 36 -18.58 -16.30 10.26
N LEU B 37 -19.33 -17.08 9.49
CA LEU B 37 -20.74 -16.77 9.27
C LEU B 37 -21.51 -16.82 10.58
N ASP B 38 -21.06 -17.65 11.54
CA ASP B 38 -21.70 -17.70 12.85
C ASP B 38 -21.57 -16.37 13.58
N MET B 39 -20.41 -15.71 13.48
CA MET B 39 -20.23 -14.41 14.09
C MET B 39 -21.24 -13.41 13.54
N VAL B 40 -21.53 -13.49 12.24
CA VAL B 40 -22.46 -12.56 11.61
C VAL B 40 -23.88 -12.81 12.11
N ILE B 41 -24.26 -14.08 12.25
CA ILE B 41 -25.60 -14.40 12.73
C ILE B 41 -25.78 -13.93 14.17
N GLU B 42 -24.72 -14.07 14.99
CA GLU B 42 -24.79 -13.62 16.38
C GLU B 42 -24.93 -12.11 16.48
N ARG B 43 -24.34 -11.36 15.55
CA ARG B 43 -24.42 -9.91 15.59
C ARG B 43 -25.71 -9.37 14.97
N ALA B 44 -26.20 -10.03 13.93
CA ALA B 44 -27.34 -9.53 13.16
C ALA B 44 -28.62 -10.32 13.37
N GLY B 45 -28.60 -11.34 14.22
CA GLY B 45 -29.76 -12.20 14.34
C GLY B 45 -30.02 -12.96 13.05
N GLY B 46 -31.18 -13.60 13.01
CA GLY B 46 -31.53 -14.39 11.85
C GLY B 46 -30.92 -15.78 11.91
N SER B 47 -30.79 -16.39 10.73
CA SER B 47 -30.32 -17.76 10.61
C SER B 47 -29.18 -17.85 9.60
N ARG B 48 -28.32 -18.85 9.78
CA ARG B 48 -27.24 -19.10 8.82
C ARG B 48 -27.77 -19.34 7.42
N GLY B 49 -28.90 -20.03 7.32
CA GLY B 49 -29.49 -20.31 6.01
C GLY B 49 -29.97 -19.08 5.30
N THR B 50 -30.59 -18.13 6.03
CA THR B 50 -31.06 -16.94 5.32
C THR B 50 -29.87 -16.15 4.72
N LEU B 51 -28.71 -16.20 5.37
CA LEU B 51 -27.49 -15.56 4.86
C LEU B 51 -27.04 -16.17 3.54
N TYR B 52 -27.10 -17.50 3.41
CA TYR B 52 -26.68 -18.14 2.17
C TYR B 52 -27.57 -17.76 1.01
N SER B 53 -28.86 -17.56 1.28
CA SER B 53 -29.77 -17.17 0.22
C SER B 53 -29.53 -15.72 -0.20
N SER B 54 -29.26 -14.84 0.77
CA SER B 54 -29.09 -13.43 0.45
C SER B 54 -27.77 -13.16 -0.28
N PHE B 55 -26.68 -13.80 0.15
CA PHE B 55 -25.36 -13.46 -0.36
C PHE B 55 -24.65 -14.61 -1.08
N GLY B 56 -25.04 -15.86 -0.87
CA GLY B 56 -24.42 -16.99 -1.52
C GLY B 56 -23.40 -17.74 -0.69
N GLY B 57 -22.90 -17.12 0.38
CA GLY B 57 -21.87 -17.71 1.21
C GLY B 57 -20.92 -16.64 1.70
N LYS B 58 -19.77 -17.07 2.22
CA LYS B 58 -18.82 -16.13 2.79
C LYS B 58 -18.23 -15.22 1.72
N GLU B 59 -17.88 -15.77 0.56
CA GLU B 59 -17.32 -14.96 -0.52
C GLU B 59 -18.32 -13.93 -1.01
N GLY B 60 -19.55 -14.36 -1.27
CA GLY B 60 -20.58 -13.43 -1.71
C GLY B 60 -20.88 -12.37 -0.67
N LEU B 61 -20.92 -12.76 0.60
CA LEU B 61 -21.08 -11.78 1.67
C LEU B 61 -19.91 -10.82 1.72
N PHE B 62 -18.69 -11.35 1.62
CA PHE B 62 -17.49 -10.50 1.67
C PHE B 62 -17.44 -9.54 0.49
N ALA B 63 -17.87 -10.01 -0.70
CA ALA B 63 -17.94 -9.13 -1.85
C ALA B 63 -18.92 -7.99 -1.61
N ALA B 64 -20.09 -8.29 -1.06
CA ALA B 64 -21.06 -7.24 -0.75
C ALA B 64 -20.52 -6.27 0.30
N VAL B 65 -19.79 -6.80 1.29
CA VAL B 65 -19.22 -5.94 2.32
C VAL B 65 -18.24 -4.95 1.71
N ILE B 66 -17.35 -5.43 0.83
CA ILE B 66 -16.38 -4.55 0.19
C ILE B 66 -17.06 -3.49 -0.65
N ALA B 67 -18.02 -3.91 -1.49
CA ALA B 67 -18.75 -2.96 -2.33
C ALA B 67 -19.50 -1.94 -1.49
N HIS B 68 -20.12 -2.38 -0.40
CA HIS B 68 -20.82 -1.45 0.49
C HIS B 68 -19.87 -0.43 1.07
N MET B 69 -18.71 -0.88 1.55
CA MET B 69 -17.73 0.05 2.12
C MET B 69 -17.21 1.03 1.09
N ILE B 70 -17.15 0.63 -0.18
CA ILE B 70 -16.66 1.52 -1.23
C ILE B 70 -17.55 2.75 -1.35
N GLY B 71 -18.87 2.53 -1.37
CA GLY B 71 -19.79 3.66 -1.37
C GLY B 71 -19.70 4.49 -0.11
N GLU B 72 -19.50 3.85 1.04
CA GLU B 72 -19.44 4.56 2.31
C GLU B 72 -18.25 5.52 2.34
N ILE B 73 -17.09 5.08 1.85
CA ILE B 73 -15.88 5.89 1.96
C ILE B 73 -15.63 6.75 0.73
N PHE B 74 -15.99 6.26 -0.46
CA PHE B 74 -15.71 6.97 -1.70
C PHE B 74 -17.00 7.58 -2.22
N ASP B 75 -17.77 6.86 -3.04
CA ASP B 75 -18.97 7.39 -3.67
C ASP B 75 -20.10 7.54 -2.66
N PRO B 83 -16.17 23.65 -6.71
CA PRO B 83 -15.11 24.14 -7.59
C PRO B 83 -14.45 25.41 -7.06
N ALA B 84 -13.13 25.37 -6.92
CA ALA B 84 -12.38 26.49 -6.37
C ALA B 84 -11.91 27.44 -7.48
N ALA B 85 -11.50 28.64 -7.06
CA ALA B 85 -11.11 29.67 -8.01
C ALA B 85 -9.69 29.49 -8.52
N THR B 86 -8.79 28.97 -7.69
CA THR B 86 -7.38 28.85 -8.03
C THR B 86 -6.97 27.39 -8.12
N LEU B 87 -5.81 27.17 -8.75
CA LEU B 87 -5.25 25.83 -8.83
C LEU B 87 -4.79 25.33 -7.47
N SER B 88 -4.14 26.20 -6.68
CA SER B 88 -3.67 25.81 -5.36
C SER B 88 -4.84 25.41 -4.46
N ALA B 89 -5.92 26.22 -4.46
CA ALA B 89 -7.08 25.88 -3.65
C ALA B 89 -7.75 24.61 -4.14
N THR B 90 -7.79 24.41 -5.46
CA THR B 90 -8.36 23.18 -6.00
C THR B 90 -7.60 21.96 -5.52
N LEU B 91 -6.27 22.01 -5.59
CA LEU B 91 -5.44 20.92 -5.07
C LEU B 91 -5.61 20.78 -3.56
N GLU B 92 -5.62 21.90 -2.83
CA GLU B 92 -5.69 21.84 -1.37
C GLU B 92 -7.01 21.26 -0.90
N HIS B 93 -8.13 21.74 -1.46
CA HIS B 93 -9.44 21.26 -1.03
C HIS B 93 -9.61 19.78 -1.34
N PHE B 94 -9.27 19.37 -2.56
CA PHE B 94 -9.39 17.96 -2.92
C PHE B 94 -8.42 17.11 -2.11
N GLY B 95 -7.18 17.58 -1.95
CA GLY B 95 -6.20 16.83 -1.19
C GLY B 95 -6.60 16.62 0.26
N ARG B 96 -7.21 17.64 0.87
CA ARG B 96 -7.63 17.52 2.26
C ARG B 96 -8.73 16.49 2.42
N ARG B 97 -9.78 16.58 1.58
CA ARG B 97 -10.85 15.59 1.63
C ARG B 97 -10.33 14.19 1.35
N PHE B 98 -9.39 14.06 0.42
CA PHE B 98 -8.81 12.75 0.11
C PHE B 98 -8.08 12.17 1.31
N LEU B 99 -7.28 13.00 1.99
CA LEU B 99 -6.50 12.52 3.13
C LEU B 99 -7.42 12.18 4.32
N THR B 100 -8.45 12.98 4.56
CA THR B 100 -9.37 12.67 5.65
C THR B 100 -10.12 11.38 5.39
N SER B 101 -10.54 11.15 4.15
CA SER B 101 -11.17 9.88 3.80
C SER B 101 -10.18 8.73 3.92
N LEU B 102 -8.98 8.90 3.37
CA LEU B 102 -8.01 7.81 3.34
C LEU B 102 -7.54 7.42 4.74
N LEU B 103 -7.30 8.41 5.60
CA LEU B 103 -6.72 8.14 6.91
C LEU B 103 -7.76 7.71 7.94
N ASP B 104 -9.04 7.68 7.57
CA ASP B 104 -10.07 7.12 8.43
C ASP B 104 -9.71 5.66 8.72
N PRO B 105 -9.73 5.24 10.00
CA PRO B 105 -9.36 3.85 10.32
C PRO B 105 -10.22 2.81 9.59
N ARG B 106 -11.46 3.14 9.26
CA ARG B 106 -12.28 2.22 8.46
C ARG B 106 -11.73 2.10 7.05
N CYS B 107 -11.24 3.20 6.47
CA CYS B 107 -10.64 3.13 5.14
C CYS B 107 -9.36 2.30 5.16
N GLN B 108 -8.54 2.47 6.21
CA GLN B 108 -7.35 1.64 6.35
C GLN B 108 -7.71 0.15 6.37
N SER B 109 -8.79 -0.20 7.08
CA SER B 109 -9.22 -1.59 7.12
C SER B 109 -9.72 -2.06 5.76
N LEU B 110 -10.48 -1.21 5.06
CA LEU B 110 -10.92 -1.56 3.71
C LEU B 110 -9.74 -1.84 2.80
N TYR B 111 -8.68 -1.03 2.89
CA TYR B 111 -7.50 -1.27 2.08
C TYR B 111 -6.81 -2.56 2.50
N ARG B 112 -6.65 -2.76 3.81
CA ARG B 112 -6.05 -3.99 4.32
C ARG B 112 -6.80 -5.22 3.85
N LEU B 113 -8.13 -5.19 3.92
CA LEU B 113 -8.93 -6.33 3.50
C LEU B 113 -8.72 -6.63 2.01
N VAL B 114 -8.77 -5.60 1.17
CA VAL B 114 -8.67 -5.80 -0.27
C VAL B 114 -7.28 -6.30 -0.64
N VAL B 115 -6.24 -5.70 -0.06
CA VAL B 115 -4.87 -6.11 -0.39
C VAL B 115 -4.62 -7.55 0.07
N ALA B 116 -5.18 -7.93 1.21
CA ALA B 116 -4.99 -9.29 1.72
C ALA B 116 -5.72 -10.32 0.86
N GLU B 117 -6.90 -9.98 0.35
CA GLU B 117 -7.78 -10.97 -0.28
C GLU B 117 -7.92 -10.81 -1.79
N SER B 118 -7.30 -9.80 -2.39
CA SER B 118 -7.38 -9.65 -3.85
C SER B 118 -6.90 -10.87 -4.62
N PRO B 119 -5.78 -11.54 -4.27
CA PRO B 119 -5.40 -12.73 -5.04
C PRO B 119 -6.42 -13.84 -4.96
N ARG B 120 -6.97 -14.07 -3.77
CA ARG B 120 -7.98 -15.11 -3.61
C ARG B 120 -9.28 -14.73 -4.30
N PHE B 121 -9.64 -13.44 -4.28
CA PHE B 121 -10.88 -12.93 -4.89
C PHE B 121 -10.53 -11.80 -5.86
N PRO B 122 -10.05 -12.14 -7.06
CA PRO B 122 -9.60 -11.08 -7.99
C PRO B 122 -10.70 -10.12 -8.42
N ALA B 123 -11.94 -10.60 -8.57
CA ALA B 123 -13.03 -9.72 -8.95
C ALA B 123 -13.28 -8.62 -7.92
N ILE B 124 -13.04 -8.92 -6.64
CA ILE B 124 -13.26 -7.92 -5.59
C ILE B 124 -12.17 -6.86 -5.64
N GLY B 125 -10.91 -7.27 -5.81
CA GLY B 125 -9.83 -6.29 -5.91
C GLY B 125 -9.97 -5.38 -7.12
N LYS B 126 -10.39 -5.94 -8.26
CA LYS B 126 -10.56 -5.12 -9.45
C LYS B 126 -11.71 -4.13 -9.28
N SER B 127 -12.81 -4.56 -8.68
CA SER B 127 -13.91 -3.64 -8.41
C SER B 127 -13.51 -2.54 -7.44
N PHE B 128 -12.71 -2.89 -6.43
CA PHE B 128 -12.24 -1.90 -5.47
C PHE B 128 -11.43 -0.80 -6.17
N TYR B 129 -10.48 -1.21 -7.01
CA TYR B 129 -9.61 -0.21 -7.64
C TYR B 129 -10.37 0.71 -8.56
N GLU B 130 -11.27 0.16 -9.38
CA GLU B 130 -11.99 0.97 -10.36
C GLU B 130 -12.90 1.98 -9.66
N GLN B 131 -13.61 1.57 -8.62
CA GLN B 131 -14.58 2.41 -7.95
C GLN B 131 -13.99 3.22 -6.80
N GLY B 132 -12.79 2.91 -6.34
CA GLY B 132 -12.18 3.64 -5.27
C GLY B 132 -11.08 4.57 -5.76
N PRO B 133 -9.83 4.09 -5.71
CA PRO B 133 -8.70 4.94 -6.13
C PRO B 133 -8.83 5.52 -7.53
N GLN B 134 -9.20 4.70 -8.51
CA GLN B 134 -9.30 5.17 -9.89
C GLN B 134 -10.33 6.30 -10.01
N GLN B 135 -11.45 6.20 -9.29
CA GLN B 135 -12.44 7.26 -9.32
C GLN B 135 -11.90 8.55 -8.70
N SER B 136 -11.09 8.42 -7.64
CA SER B 136 -10.48 9.60 -7.04
C SER B 136 -9.54 10.29 -8.02
N TYR B 137 -8.73 9.51 -8.75
CA TYR B 137 -7.86 10.07 -9.76
C TYR B 137 -8.66 10.80 -10.84
N LEU B 138 -9.73 10.17 -11.32
CA LEU B 138 -10.50 10.74 -12.42
C LEU B 138 -11.25 11.99 -11.97
N LEU B 139 -11.77 12.00 -10.75
CA LEU B 139 -12.49 13.18 -10.26
C LEU B 139 -11.57 14.39 -10.20
N LEU B 140 -10.37 14.21 -9.64
CA LEU B 140 -9.42 15.33 -9.57
C LEU B 140 -9.04 15.81 -10.96
N SER B 141 -8.83 14.87 -11.89
CA SER B 141 -8.48 15.22 -13.26
C SER B 141 -9.52 16.14 -13.88
N GLU B 142 -10.80 15.90 -13.57
CA GLU B 142 -11.86 16.74 -14.10
C GLU B 142 -11.85 18.13 -13.46
N ARG B 143 -11.66 18.19 -12.14
CA ARG B 143 -11.54 19.50 -11.48
C ARG B 143 -10.32 20.25 -11.99
N LEU B 144 -9.22 19.54 -12.26
CA LEU B 144 -8.02 20.20 -12.76
C LEU B 144 -8.24 20.76 -14.15
N ALA B 145 -9.01 20.06 -14.99
CA ALA B 145 -9.30 20.54 -16.33
C ALA B 145 -10.05 21.87 -16.30
N ALA B 146 -10.87 22.10 -15.27
CA ALA B 146 -11.60 23.36 -15.19
C ALA B 146 -10.67 24.54 -14.95
N VAL B 147 -9.67 24.37 -14.07
CA VAL B 147 -8.75 25.45 -13.75
C VAL B 147 -7.53 25.48 -14.65
N ALA B 148 -7.26 24.41 -15.39
CA ALA B 148 -6.17 24.36 -16.38
C ALA B 148 -6.77 23.90 -17.71
N PRO B 149 -7.62 24.73 -18.33
CA PRO B 149 -8.45 24.24 -19.44
C PRO B 149 -7.69 23.99 -20.73
N HIS B 150 -6.46 24.47 -20.87
CA HIS B 150 -5.70 24.29 -22.11
C HIS B 150 -4.68 23.16 -22.03
N MET B 151 -4.69 22.37 -20.95
CA MET B 151 -3.70 21.34 -20.75
C MET B 151 -4.19 19.99 -21.26
N ASP B 152 -3.24 19.15 -21.68
CA ASP B 152 -3.55 17.81 -22.17
C ASP B 152 -4.23 16.99 -21.08
N GLU B 153 -5.35 16.36 -21.46
CA GLU B 153 -6.12 15.58 -20.48
C GLU B 153 -5.34 14.38 -19.98
N GLU B 154 -4.51 13.76 -20.83
CA GLU B 154 -3.67 12.66 -20.38
C GLU B 154 -2.63 13.14 -19.37
N THR B 155 -2.08 14.33 -19.58
CA THR B 155 -1.11 14.89 -18.64
C THR B 155 -1.77 15.24 -17.32
N LEU B 156 -2.99 15.83 -17.38
CA LEU B 156 -3.70 16.17 -16.16
C LEU B 156 -4.02 14.92 -15.34
N TYR B 157 -4.38 13.82 -16.00
CA TYR B 157 -4.64 12.59 -15.28
C TYR B 157 -3.37 12.06 -14.62
N ALA B 158 -2.24 12.10 -15.34
CA ALA B 158 -0.99 11.64 -14.75
C ALA B 158 -0.61 12.49 -13.55
N VAL B 159 -0.77 13.81 -13.65
CA VAL B 159 -0.45 14.70 -12.54
C VAL B 159 -1.40 14.47 -11.37
N ALA B 160 -2.70 14.29 -11.66
CA ALA B 160 -3.66 14.02 -10.61
C ALA B 160 -3.28 12.78 -9.79
N CYS B 161 -2.87 11.71 -10.48
CA CYS B 161 -2.47 10.50 -9.77
C CYS B 161 -1.25 10.73 -8.90
N GLN B 162 -0.25 11.44 -9.42
CA GLN B 162 0.97 11.68 -8.65
C GLN B 162 0.67 12.53 -7.42
N PHE B 163 -0.20 13.54 -7.56
CA PHE B 163 -0.54 14.38 -6.41
C PHE B 163 -1.21 13.57 -5.31
N LEU B 164 -2.21 12.77 -5.66
CA LEU B 164 -2.96 12.03 -4.64
C LEU B 164 -2.08 10.97 -3.99
N GLU B 165 -1.20 10.33 -4.76
CA GLU B 165 -0.28 9.37 -4.17
C GLU B 165 0.75 10.05 -3.28
N MET B 166 1.18 11.27 -3.65
CA MET B 166 2.16 11.99 -2.86
C MET B 166 1.65 12.30 -1.45
N LEU B 167 0.33 12.46 -1.32
CA LEU B 167 -0.27 12.73 -0.02
C LEU B 167 -0.14 11.54 0.94
N LYS B 168 0.07 10.34 0.42
CA LYS B 168 0.23 9.15 1.24
C LYS B 168 1.65 8.97 1.78
N ALA B 169 2.62 9.72 1.26
CA ALA B 169 4.03 9.46 1.55
C ALA B 169 4.31 9.52 3.05
N ASP B 170 5.01 8.50 3.55
CA ASP B 170 5.41 8.40 4.94
C ASP B 170 4.23 8.58 5.90
N LEU B 171 3.06 8.09 5.49
CA LEU B 171 1.82 8.27 6.24
C LEU B 171 0.92 7.05 6.16
N PHE B 172 0.41 6.77 4.95
CA PHE B 172 -0.58 5.71 4.79
C PHE B 172 0.03 4.34 5.06
N LEU B 173 1.11 4.00 4.37
CA LEU B 173 1.76 2.71 4.59
C LEU B 173 2.29 2.60 6.00
N LYS B 174 2.78 3.72 6.56
CA LYS B 174 3.22 3.71 7.96
C LYS B 174 2.08 3.37 8.90
N ALA B 175 0.90 3.97 8.67
CA ALA B 175 -0.26 3.66 9.51
C ALA B 175 -0.72 2.22 9.32
N LEU B 176 -0.63 1.71 8.09
CA LEU B 176 -1.05 0.34 7.82
C LEU B 176 -0.12 -0.67 8.47
N SER B 177 1.16 -0.34 8.59
CA SER B 177 2.17 -1.29 9.04
C SER B 177 2.56 -1.11 10.49
N VAL B 178 2.49 0.11 11.02
CA VAL B 178 2.95 0.42 12.37
C VAL B 178 1.70 0.63 13.23
N ALA B 179 1.48 -0.26 14.19
CA ALA B 179 0.22 -0.27 14.92
C ALA B 179 0.08 0.93 15.84
N ASP B 180 1.16 1.32 16.53
CA ASP B 180 1.06 2.46 17.44
C ASP B 180 1.00 3.78 16.71
N PHE B 181 1.54 3.85 15.48
CA PHE B 181 1.62 5.13 14.78
C PHE B 181 0.23 5.60 14.38
N GLN B 182 -0.12 6.82 14.80
CA GLN B 182 -1.36 7.47 14.41
C GLN B 182 -1.02 8.79 13.74
N PRO B 183 -1.42 9.02 12.49
CA PRO B 183 -1.13 10.30 11.83
C PRO B 183 -1.87 11.45 12.50
N THR B 184 -1.11 12.45 12.96
CA THR B 184 -1.71 13.64 13.51
C THR B 184 -2.24 14.53 12.40
N MET B 185 -3.23 15.36 12.76
CA MET B 185 -3.72 16.36 11.80
C MET B 185 -2.62 17.32 11.41
N ALA B 186 -1.67 17.58 12.29
CA ALA B 186 -0.51 18.40 11.94
C ALA B 186 0.30 17.75 10.83
N LEU B 187 0.47 16.42 10.88
CA LEU B 187 1.17 15.70 9.83
C LEU B 187 0.44 15.83 8.49
N LEU B 188 -0.88 15.60 8.50
CA LEU B 188 -1.66 15.72 7.27
C LEU B 188 -1.47 17.07 6.62
N GLU B 189 -1.57 18.15 7.42
CA GLU B 189 -1.46 19.50 6.85
C GLU B 189 -0.04 19.78 6.38
N THR B 190 0.97 19.22 7.05
CA THR B 190 2.34 19.37 6.59
C THR B 190 2.53 18.73 5.21
N ARG B 191 2.05 17.49 5.05
CA ARG B 191 2.18 16.82 3.76
C ARG B 191 1.35 17.50 2.69
N LEU B 192 0.13 17.94 3.05
CA LEU B 192 -0.75 18.56 2.08
C LEU B 192 -0.15 19.84 1.50
N LYS B 193 0.40 20.69 2.37
CA LYS B 193 0.99 21.95 1.92
C LYS B 193 2.14 21.70 0.95
N LEU B 194 3.02 20.75 1.29
CA LEU B 194 4.17 20.45 0.43
C LEU B 194 3.72 19.91 -0.92
N SER B 195 2.81 18.93 -0.91
CA SER B 195 2.35 18.33 -2.16
C SER B 195 1.69 19.35 -3.08
N VAL B 196 0.86 20.23 -2.52
CA VAL B 196 0.24 21.28 -3.32
C VAL B 196 1.31 22.19 -3.90
N ASP B 197 2.28 22.59 -3.09
CA ASP B 197 3.35 23.46 -3.56
C ASP B 197 4.12 22.82 -4.72
N ILE B 198 4.42 21.54 -4.60
CA ILE B 198 5.18 20.84 -5.64
C ILE B 198 4.39 20.79 -6.94
N ILE B 199 3.14 20.31 -6.87
CA ILE B 199 2.36 20.10 -8.08
C ILE B 199 1.98 21.42 -8.74
N ALA B 200 1.59 22.41 -7.94
CA ALA B 200 1.26 23.73 -8.48
C ALA B 200 2.46 24.34 -9.19
N CYS B 201 3.64 24.26 -8.57
CA CYS B 201 4.86 24.74 -9.20
C CYS B 201 5.08 24.08 -10.56
N TYR B 202 4.89 22.75 -10.63
CA TYR B 202 5.08 22.05 -11.89
C TYR B 202 4.10 22.54 -12.95
N LEU B 203 2.81 22.61 -12.61
CA LEU B 203 1.81 23.02 -13.58
C LEU B 203 1.99 24.48 -14.00
N GLU B 204 2.40 25.34 -13.07
CA GLU B 204 2.59 26.75 -13.38
C GLU B 204 3.80 27.02 -14.24
N HIS B 205 4.67 26.03 -14.44
CA HIS B 205 5.79 26.12 -15.38
C HIS B 205 5.63 25.17 -16.56
N LEU B 206 4.59 24.33 -16.57
CA LEU B 206 4.46 23.31 -17.61
C LEU B 206 4.15 23.93 -18.96
N SER B 207 3.18 24.85 -19.01
CA SER B 207 2.74 25.43 -20.28
C SER B 207 3.70 26.50 -20.77
N GLN B 208 5.00 26.30 -20.54
CA GLN B 208 6.05 27.26 -20.90
C GLN B 208 5.78 28.61 -20.26
#